data_7VQ9
#
_entry.id   7VQ9
#
_cell.length_a   111.899
_cell.length_b   81.308
_cell.length_c   60.023
_cell.angle_alpha   90.000
_cell.angle_beta   103.460
_cell.angle_gamma   90.000
#
_symmetry.space_group_name_H-M   'C 1 2 1'
#
loop_
_entity.id
_entity.type
_entity.pdbx_description
1 polymer Di-trans-poly-cis-decaprenylcistransferase
2 non-polymer '3-methylbut-3-enylsulfanyl(phosphonooxy)phosphinic acid'
3 non-polymer 'S-[(2E,6E)-3,7,11-TRIMETHYLDODECA-2,6,10-TRIENYL] TRIHYDROGEN THIODIPHOSPHATE'
4 non-polymer 'MAGNESIUM ION'
5 non-polymer 'SULFATE ION'
6 water water
#
_entity_poly.entity_id   1
_entity_poly.type   'polypeptide(L)'
_entity_poly.pdbx_seq_one_letter_code
;MGGYFLDTPKFKRLPGHIAIIPDGNRRWALDRGLEKHEGYKHGIVPGLELYDICVKIGIGEVTFFGFTQDNTKRPQIQRK
AFVDACIKSVKELSKHDAELLVVGNTNSDMFPKELLAYTKRTKFGKGKVRINFLVNYGWYWDLTYAFENSSDSKKMIENI
ASAEIPRIDLLIRWGGRRRLSGMLPVQTVYSDIYVVDEMWPDFKPEHLFNALEFYQDQDITLGG
;
_entity_poly.pdbx_strand_id   A,B
#
loop_
_chem_comp.id
_chem_comp.type
_chem_comp.name
_chem_comp.formula
FPS non-polymer 'S-[(2E,6E)-3,7,11-TRIMETHYLDODECA-2,6,10-TRIENYL] TRIHYDROGEN THIODIPHOSPHATE' 'C15 H28 O6 P2 S'
ISY non-polymer '3-methylbut-3-enylsulfanyl(phosphonooxy)phosphinic acid' 'C5 H12 O6 P2 S'
MG non-polymer 'MAGNESIUM ION' 'Mg 2'
SO4 non-polymer 'SULFATE ION' 'O4 S -2'
#
# COMPACT_ATOMS: atom_id res chain seq x y z
N THR A 8 28.51 -6.75 -4.25
CA THR A 8 27.41 -6.68 -3.24
C THR A 8 27.85 -5.81 -2.07
N PRO A 9 27.25 -4.60 -1.84
CA PRO A 9 27.62 -3.75 -0.71
C PRO A 9 27.55 -4.40 0.69
N LYS A 10 28.23 -3.80 1.67
CA LYS A 10 28.24 -4.24 3.09
C LYS A 10 27.04 -3.58 3.78
N PHE A 11 25.86 -4.03 3.42
CA PHE A 11 24.59 -3.69 4.08
C PHE A 11 24.75 -3.82 5.59
N LYS A 12 24.21 -2.85 6.33
CA LYS A 12 24.04 -2.86 7.81
C LYS A 12 22.81 -3.70 8.17
N ARG A 13 21.88 -3.76 7.23
CA ARG A 13 20.55 -4.36 7.47
C ARG A 13 20.01 -4.80 6.13
N LEU A 14 19.28 -5.90 6.11
CA LEU A 14 18.54 -6.33 4.91
C LEU A 14 17.09 -6.47 5.35
N PRO A 15 16.16 -6.40 4.39
CA PRO A 15 14.79 -6.84 4.66
C PRO A 15 14.75 -8.34 4.92
N GLY A 16 13.92 -8.76 5.87
CA GLY A 16 13.64 -10.19 6.07
C GLY A 16 12.83 -10.73 4.90
N HIS A 17 11.97 -9.89 4.33
CA HIS A 17 10.99 -10.37 3.33
C HIS A 17 10.78 -9.29 2.30
N ILE A 18 11.09 -9.59 1.04
CA ILE A 18 10.83 -8.67 -0.08
C ILE A 18 9.66 -9.20 -0.89
N ALA A 19 8.81 -8.31 -1.35
CA ALA A 19 7.77 -8.61 -2.35
C ALA A 19 8.15 -7.94 -3.66
N ILE A 20 7.83 -8.62 -4.76
CA ILE A 20 8.21 -8.22 -6.12
C ILE A 20 6.91 -8.12 -6.93
N ILE A 21 6.73 -7.00 -7.62
CA ILE A 21 5.60 -6.83 -8.56
C ILE A 21 6.22 -6.65 -9.93
N PRO A 22 6.27 -7.76 -10.70
CA PRO A 22 6.97 -7.78 -11.98
C PRO A 22 6.07 -7.25 -13.12
N ASP A 23 5.66 -6.00 -12.98
CA ASP A 23 4.73 -5.33 -13.93
C ASP A 23 5.50 -4.79 -15.16
N GLY A 24 4.77 -4.50 -16.24
CA GLY A 24 5.31 -3.85 -17.45
C GLY A 24 5.68 -4.82 -18.58
N ASN A 25 5.32 -6.11 -18.48
CA ASN A 25 5.70 -7.11 -19.52
C ASN A 25 5.03 -6.80 -20.89
N ARG A 26 3.77 -6.39 -20.92
CA ARG A 26 3.07 -6.08 -22.21
C ARG A 26 3.69 -4.82 -22.82
N ARG A 27 3.90 -3.76 -22.04
CA ARG A 27 4.57 -2.54 -22.53
C ARG A 27 5.96 -2.87 -23.08
N TRP A 28 6.71 -3.71 -22.38
CA TRP A 28 8.07 -4.09 -22.82
C TRP A 28 8.01 -4.77 -24.20
N ALA A 29 7.11 -5.72 -24.36
CA ALA A 29 6.90 -6.45 -25.62
C ALA A 29 6.55 -5.45 -26.74
N LEU A 30 5.53 -4.61 -26.51
CA LEU A 30 5.06 -3.64 -27.54
C LEU A 30 6.24 -2.76 -27.96
N ASP A 31 7.06 -2.30 -27.00
CA ASP A 31 8.24 -1.46 -27.29
C ASP A 31 9.21 -2.20 -28.21
N ARG A 32 9.29 -3.52 -28.13
CA ARG A 32 10.21 -4.31 -28.98
C ARG A 32 9.51 -4.72 -30.29
N GLY A 33 8.26 -4.30 -30.55
CA GLY A 33 7.54 -4.71 -31.77
C GLY A 33 6.92 -6.10 -31.68
N LEU A 34 6.85 -6.68 -30.49
CA LEU A 34 6.23 -8.01 -30.26
C LEU A 34 4.74 -7.83 -29.95
N GLU A 35 3.96 -8.90 -29.97
CA GLU A 35 2.58 -8.91 -29.48
C GLU A 35 2.61 -8.79 -27.95
N LYS A 36 1.56 -8.22 -27.36
CA LYS A 36 1.52 -7.93 -25.91
C LYS A 36 1.82 -9.20 -25.10
N HIS A 37 1.25 -10.34 -25.49
CA HIS A 37 1.41 -11.64 -24.77
C HIS A 37 2.85 -12.15 -24.80
N GLU A 38 3.71 -11.67 -25.70
CA GLU A 38 5.05 -12.28 -25.82
C GLU A 38 6.01 -11.72 -24.77
N GLY A 39 5.62 -10.77 -23.95
CA GLY A 39 6.57 -10.19 -22.97
C GLY A 39 6.78 -11.14 -21.81
N TYR A 40 5.78 -11.92 -21.44
CA TYR A 40 5.81 -12.71 -20.17
C TYR A 40 7.01 -13.68 -20.19
N LYS A 41 7.26 -14.35 -21.32
CA LYS A 41 8.40 -15.31 -21.37
C LYS A 41 9.73 -14.59 -21.15
N HIS A 42 9.83 -13.28 -21.42
CA HIS A 42 11.04 -12.46 -21.15
C HIS A 42 11.10 -11.98 -19.69
N GLY A 43 10.14 -12.37 -18.85
CA GLY A 43 10.10 -12.04 -17.43
C GLY A 43 10.57 -13.21 -16.59
N ILE A 44 10.89 -14.35 -17.20
CA ILE A 44 11.27 -15.57 -16.44
C ILE A 44 12.71 -15.43 -15.96
N VAL A 45 13.66 -15.20 -16.87
CA VAL A 45 15.08 -15.10 -16.46
C VAL A 45 15.29 -13.97 -15.44
N PRO A 46 14.72 -12.76 -15.57
CA PRO A 46 14.82 -11.75 -14.50
C PRO A 46 14.47 -12.23 -13.09
N GLY A 47 13.41 -13.06 -12.96
CA GLY A 47 13.01 -13.75 -11.70
C GLY A 47 14.14 -14.61 -11.14
N LEU A 48 14.74 -15.43 -12.01
CA LEU A 48 15.88 -16.31 -11.68
C LEU A 48 17.10 -15.50 -11.29
N GLU A 49 17.39 -14.40 -11.99
CA GLU A 49 18.47 -13.46 -11.62
C GLU A 49 18.20 -12.84 -10.26
N LEU A 50 16.97 -12.40 -10.00
CA LEU A 50 16.63 -11.81 -8.70
C LEU A 50 16.87 -12.84 -7.59
N TYR A 51 16.40 -14.08 -7.78
CA TYR A 51 16.63 -15.22 -6.86
C TYR A 51 18.13 -15.38 -6.59
N ASP A 52 18.96 -15.42 -7.63
CA ASP A 52 20.41 -15.63 -7.51
C ASP A 52 20.99 -14.51 -6.65
N ILE A 53 20.60 -13.27 -6.88
CA ILE A 53 21.10 -12.14 -6.06
C ILE A 53 20.63 -12.32 -4.63
N CYS A 54 19.35 -12.61 -4.39
CA CYS A 54 18.80 -12.79 -3.02
C CYS A 54 19.61 -13.85 -2.26
N VAL A 55 19.93 -14.97 -2.88
CA VAL A 55 20.73 -16.05 -2.24
C VAL A 55 22.14 -15.51 -1.93
N LYS A 56 22.74 -14.78 -2.84
CA LYS A 56 24.12 -14.26 -2.68
C LYS A 56 24.15 -13.26 -1.52
N ILE A 57 23.17 -12.37 -1.40
CA ILE A 57 23.32 -11.29 -0.40
C ILE A 57 22.71 -11.66 0.93
N GLY A 58 21.84 -12.66 0.98
CA GLY A 58 21.27 -13.17 2.24
C GLY A 58 19.84 -12.75 2.50
N ILE A 59 19.07 -12.49 1.45
CA ILE A 59 17.62 -12.22 1.62
C ILE A 59 16.95 -13.56 1.93
N GLY A 60 16.17 -13.66 3.01
CA GLY A 60 15.66 -14.96 3.43
C GLY A 60 14.35 -15.34 2.72
N GLU A 61 13.55 -14.37 2.27
CA GLU A 61 12.17 -14.65 1.77
C GLU A 61 11.76 -13.62 0.70
N VAL A 62 11.24 -14.13 -0.39
CA VAL A 62 10.77 -13.32 -1.54
C VAL A 62 9.36 -13.77 -1.91
N THR A 63 8.45 -12.83 -2.11
CA THR A 63 7.12 -13.12 -2.67
C THR A 63 6.98 -12.42 -4.02
N PHE A 64 6.68 -13.17 -5.06
CA PHE A 64 6.40 -12.67 -6.42
C PHE A 64 4.91 -12.62 -6.60
N PHE A 65 4.45 -11.53 -7.20
CA PHE A 65 3.07 -11.39 -7.72
C PHE A 65 3.05 -12.11 -9.07
N GLY A 66 2.44 -13.28 -9.14
CA GLY A 66 2.34 -14.07 -10.39
C GLY A 66 1.19 -13.59 -11.28
N PHE A 67 -0.05 -13.73 -10.86
CA PHE A 67 -1.19 -13.10 -11.59
C PHE A 67 -2.42 -13.10 -10.70
N THR A 68 -3.28 -12.12 -10.95
CA THR A 68 -4.48 -11.88 -10.14
C THR A 68 -5.67 -12.56 -10.78
N GLN A 69 -6.73 -12.71 -10.01
CA GLN A 69 -8.06 -13.14 -10.55
C GLN A 69 -8.51 -12.17 -11.65
N ASP A 70 -8.31 -10.86 -11.46
CA ASP A 70 -8.67 -9.85 -12.48
C ASP A 70 -7.85 -10.06 -13.76
N ASN A 71 -6.57 -10.44 -13.64
CA ASN A 71 -5.73 -10.68 -14.82
C ASN A 71 -6.37 -11.78 -15.71
N THR A 72 -7.07 -12.74 -15.11
CA THR A 72 -7.69 -13.88 -15.86
C THR A 72 -8.83 -13.43 -16.77
N LYS A 73 -9.25 -12.17 -16.65
CA LYS A 73 -10.33 -11.61 -17.50
C LYS A 73 -9.72 -11.04 -18.79
N ARG A 74 -8.39 -11.02 -18.86
CA ARG A 74 -7.70 -10.54 -20.07
C ARG A 74 -7.90 -11.54 -21.21
N PRO A 75 -7.58 -11.16 -22.46
CA PRO A 75 -7.75 -12.06 -23.60
C PRO A 75 -7.07 -13.42 -23.39
N GLN A 76 -7.68 -14.48 -23.91
CA GLN A 76 -7.15 -15.85 -23.73
C GLN A 76 -5.67 -15.95 -24.10
N ILE A 77 -5.26 -15.30 -25.18
CA ILE A 77 -3.87 -15.48 -25.65
C ILE A 77 -2.89 -14.91 -24.61
N GLN A 78 -3.27 -13.84 -23.94
CA GLN A 78 -2.44 -13.24 -22.86
C GLN A 78 -2.45 -14.17 -21.65
N ARG A 79 -3.63 -14.62 -21.24
CA ARG A 79 -3.78 -15.51 -20.06
C ARG A 79 -2.92 -16.75 -20.25
N LYS A 80 -3.02 -17.41 -21.41
CA LYS A 80 -2.23 -18.63 -21.66
C LYS A 80 -0.74 -18.32 -21.56
N ALA A 81 -0.29 -17.18 -22.07
CA ALA A 81 1.14 -16.83 -22.05
C ALA A 81 1.59 -16.53 -20.60
N PHE A 82 0.85 -15.76 -19.81
CA PHE A 82 1.36 -15.41 -18.45
C PHE A 82 1.23 -16.64 -17.56
N VAL A 83 0.23 -17.48 -17.78
CA VAL A 83 0.12 -18.75 -17.00
C VAL A 83 1.32 -19.63 -17.35
N ASP A 84 1.62 -19.73 -18.63
CA ASP A 84 2.75 -20.59 -19.05
C ASP A 84 4.03 -20.07 -18.41
N ALA A 85 4.22 -18.75 -18.43
CA ALA A 85 5.45 -18.12 -17.88
C ALA A 85 5.54 -18.38 -16.36
N CYS A 86 4.43 -18.27 -15.61
CA CYS A 86 4.40 -18.57 -14.15
C CYS A 86 4.76 -20.04 -13.89
N ILE A 87 4.19 -20.96 -14.65
CA ILE A 87 4.55 -22.42 -14.53
C ILE A 87 6.05 -22.61 -14.74
N LYS A 88 6.61 -22.04 -15.79
CA LYS A 88 8.04 -22.22 -16.12
C LYS A 88 8.89 -21.60 -15.03
N SER A 89 8.49 -20.44 -14.48
CA SER A 89 9.22 -19.77 -13.38
C SER A 89 9.32 -20.71 -12.19
N VAL A 90 8.21 -21.29 -11.78
CA VAL A 90 8.16 -22.14 -10.55
C VAL A 90 9.02 -23.36 -10.78
N LYS A 91 8.89 -23.98 -11.94
CA LYS A 91 9.68 -25.17 -12.32
C LYS A 91 11.16 -24.84 -12.34
N GLU A 92 11.54 -23.75 -12.99
CA GLU A 92 12.96 -23.35 -13.04
C GLU A 92 13.44 -23.14 -11.60
N LEU A 93 12.65 -22.47 -10.74
CA LEU A 93 13.13 -22.20 -9.37
C LEU A 93 13.28 -23.52 -8.61
N SER A 94 12.50 -24.53 -8.94
CA SER A 94 12.57 -25.84 -8.26
C SER A 94 13.92 -26.52 -8.51
N LYS A 95 14.72 -26.05 -9.46
CA LYS A 95 16.07 -26.59 -9.71
C LYS A 95 17.09 -25.87 -8.85
N HIS A 96 16.69 -24.84 -8.11
CA HIS A 96 17.64 -24.08 -7.27
C HIS A 96 17.42 -24.46 -5.80
N ASP A 97 17.99 -23.72 -4.90
CA ASP A 97 17.99 -24.07 -3.46
C ASP A 97 16.84 -23.26 -2.84
N ALA A 98 15.64 -23.52 -3.28
CA ALA A 98 14.47 -22.64 -2.99
C ALA A 98 13.43 -23.47 -2.27
N GLU A 99 12.83 -22.89 -1.24
CA GLU A 99 11.66 -23.49 -0.58
C GLU A 99 10.43 -22.77 -1.13
N LEU A 100 9.66 -23.41 -2.00
CA LEU A 100 8.63 -22.77 -2.84
C LEU A 100 7.26 -22.94 -2.23
N LEU A 101 6.42 -21.91 -2.32
CA LEU A 101 4.99 -21.97 -1.94
C LEU A 101 4.20 -21.14 -2.95
N VAL A 102 3.18 -21.73 -3.51
CA VAL A 102 2.19 -21.03 -4.34
C VAL A 102 0.94 -20.79 -3.50
N VAL A 103 0.46 -19.58 -3.55
CA VAL A 103 -0.81 -19.22 -2.85
C VAL A 103 -1.76 -18.65 -3.90
N GLY A 104 -2.98 -19.15 -3.93
CA GLY A 104 -4.01 -18.56 -4.79
C GLY A 104 -5.26 -19.39 -4.77
N ASN A 105 -6.28 -18.92 -5.49
CA ASN A 105 -7.61 -19.56 -5.48
C ASN A 105 -7.57 -20.83 -6.33
N THR A 106 -7.48 -21.99 -5.70
CA THR A 106 -7.36 -23.28 -6.43
C THR A 106 -8.75 -23.79 -6.82
N ASN A 107 -9.80 -23.26 -6.18
CA ASN A 107 -11.21 -23.59 -6.50
C ASN A 107 -11.65 -22.75 -7.68
N SER A 108 -10.96 -22.85 -8.79
CA SER A 108 -11.16 -22.02 -10.00
C SER A 108 -10.56 -22.76 -11.18
N ASP A 109 -11.21 -22.76 -12.32
CA ASP A 109 -10.60 -23.31 -13.55
C ASP A 109 -9.45 -22.42 -14.01
N MET A 110 -9.25 -21.24 -13.42
CA MET A 110 -8.13 -20.36 -13.85
C MET A 110 -6.85 -20.72 -13.09
N PHE A 111 -6.92 -21.57 -12.07
CA PHE A 111 -5.70 -21.97 -11.34
C PHE A 111 -5.04 -23.09 -12.15
N PRO A 112 -3.76 -22.96 -12.52
CA PRO A 112 -3.10 -23.96 -13.37
C PRO A 112 -2.84 -25.22 -12.56
N LYS A 113 -3.32 -26.34 -13.06
CA LYS A 113 -3.24 -27.63 -12.34
C LYS A 113 -1.78 -27.95 -12.07
N GLU A 114 -0.88 -27.57 -12.97
CA GLU A 114 0.59 -27.84 -12.85
C GLU A 114 1.16 -27.23 -11.56
N LEU A 115 0.52 -26.23 -10.95
CA LEU A 115 1.10 -25.54 -9.77
C LEU A 115 0.42 -26.00 -8.49
N LEU A 116 -0.60 -26.87 -8.55
CA LEU A 116 -1.27 -27.36 -7.31
C LEU A 116 -0.25 -28.05 -6.39
N ALA A 117 0.76 -28.68 -6.96
CA ALA A 117 1.80 -29.46 -6.23
C ALA A 117 2.55 -28.53 -5.27
N TYR A 118 2.60 -27.21 -5.56
CA TYR A 118 3.44 -26.25 -4.83
C TYR A 118 2.60 -25.47 -3.83
N THR A 119 1.33 -25.90 -3.62
CA THR A 119 0.40 -25.24 -2.66
C THR A 119 0.79 -25.60 -1.22
N LYS A 120 1.71 -26.53 -1.07
CA LYS A 120 2.28 -26.86 0.25
C LYS A 120 3.76 -26.49 0.13
N ARG A 121 4.26 -25.71 1.08
CA ARG A 121 5.65 -25.23 0.98
C ARG A 121 6.57 -26.43 0.80
N THR A 122 7.41 -26.38 -0.22
CA THR A 122 8.28 -27.54 -0.52
C THR A 122 9.74 -27.10 -0.67
N LYS A 123 10.62 -27.75 0.08
CA LYS A 123 12.06 -27.42 0.03
C LYS A 123 12.72 -28.12 -1.16
N PHE A 124 13.34 -27.34 -2.03
CA PHE A 124 14.12 -27.94 -3.14
C PHE A 124 15.60 -27.74 -2.80
N GLY A 125 16.43 -28.75 -3.08
CA GLY A 125 17.86 -28.72 -2.73
C GLY A 125 18.08 -28.21 -1.32
N LYS A 126 18.91 -27.19 -1.13
CA LYS A 126 19.29 -26.72 0.23
C LYS A 126 18.24 -25.74 0.80
N GLY A 127 17.20 -25.36 0.05
CA GLY A 127 16.22 -24.40 0.59
C GLY A 127 16.85 -23.16 1.22
N LYS A 128 17.67 -22.44 0.47
CA LYS A 128 18.42 -21.25 0.97
C LYS A 128 17.53 -20.00 1.03
N VAL A 129 16.47 -19.94 0.23
CA VAL A 129 15.54 -18.79 0.24
C VAL A 129 14.12 -19.33 0.16
N ARG A 130 13.19 -18.73 0.92
CA ARG A 130 11.76 -19.06 0.78
C ARG A 130 11.19 -18.17 -0.30
N ILE A 131 10.54 -18.78 -1.28
CA ILE A 131 9.97 -18.05 -2.43
C ILE A 131 8.49 -18.37 -2.46
N ASN A 132 7.67 -17.35 -2.37
CA ASN A 132 6.21 -17.51 -2.45
C ASN A 132 5.78 -16.92 -3.78
N PHE A 133 4.74 -17.48 -4.37
CA PHE A 133 4.21 -16.97 -5.64
C PHE A 133 2.71 -16.86 -5.52
N LEU A 134 2.17 -15.69 -5.87
CA LEU A 134 0.72 -15.42 -5.85
C LEU A 134 0.16 -15.74 -7.24
N VAL A 135 -0.63 -16.79 -7.34
CA VAL A 135 -1.15 -17.34 -8.61
C VAL A 135 -2.67 -17.42 -8.53
N ASN A 136 -3.37 -16.72 -9.43
CA ASN A 136 -4.85 -16.59 -9.37
C ASN A 136 -5.23 -16.06 -7.99
N TYR A 137 -4.49 -15.06 -7.58
CA TYR A 137 -4.61 -14.39 -6.28
C TYR A 137 -5.59 -13.23 -6.40
N GLY A 138 -6.39 -13.02 -5.36
CA GLY A 138 -7.15 -11.78 -5.19
C GLY A 138 -7.24 -11.40 -3.75
N TRP A 139 -7.14 -10.10 -3.46
CA TRP A 139 -7.13 -9.61 -2.06
C TRP A 139 -8.45 -9.97 -1.38
N TYR A 140 -9.58 -9.90 -2.10
CA TYR A 140 -10.89 -10.12 -1.45
C TYR A 140 -11.05 -11.61 -1.06
N TRP A 141 -10.71 -12.47 -2.00
CA TRP A 141 -10.61 -13.94 -1.79
C TRP A 141 -9.71 -14.22 -0.59
N ASP A 142 -8.58 -13.51 -0.49
CA ASP A 142 -7.59 -13.76 0.60
C ASP A 142 -8.23 -13.41 1.95
N LEU A 143 -8.72 -12.19 2.07
CA LEU A 143 -9.25 -11.72 3.37
C LEU A 143 -10.50 -12.53 3.78
N THR A 144 -11.41 -12.83 2.85
CA THR A 144 -12.72 -13.48 3.15
C THR A 144 -12.54 -14.97 3.44
N TYR A 145 -11.40 -15.52 3.06
CA TYR A 145 -11.05 -16.95 3.24
C TYR A 145 -11.22 -17.22 4.72
N ALA A 146 -10.94 -16.21 5.50
CA ALA A 146 -10.97 -16.33 6.96
C ALA A 146 -12.40 -16.60 7.46
N ASP A 152 -13.24 -16.91 15.98
CA ASP A 152 -12.79 -15.68 16.69
C ASP A 152 -12.25 -14.65 15.69
N SER A 153 -12.31 -13.36 16.05
CA SER A 153 -11.82 -12.27 15.18
C SER A 153 -10.31 -12.40 14.98
N LYS A 154 -9.61 -12.90 16.00
CA LYS A 154 -8.14 -13.13 15.86
C LYS A 154 -7.89 -14.29 14.90
N LYS A 155 -8.58 -15.39 15.12
CA LYS A 155 -8.40 -16.57 14.24
C LYS A 155 -8.62 -16.08 12.81
N MET A 156 -9.60 -15.22 12.60
CA MET A 156 -9.90 -14.79 11.22
C MET A 156 -8.62 -14.28 10.54
N ILE A 157 -7.96 -13.29 11.12
CA ILE A 157 -6.79 -12.71 10.40
C ILE A 157 -5.69 -13.76 10.25
N GLU A 158 -5.44 -14.60 11.27
CA GLU A 158 -4.42 -15.67 11.19
C GLU A 158 -4.86 -16.76 10.21
N ASN A 159 -6.09 -16.70 9.72
CA ASN A 159 -6.64 -17.74 8.82
C ASN A 159 -6.94 -17.19 7.42
N ILE A 160 -6.40 -16.01 7.09
CA ILE A 160 -6.50 -15.54 5.68
C ILE A 160 -5.80 -16.57 4.78
N ALA A 161 -6.18 -16.61 3.51
CA ALA A 161 -5.64 -17.59 2.55
C ALA A 161 -4.10 -17.52 2.53
N SER A 162 -3.54 -16.32 2.69
CA SER A 162 -2.10 -16.06 2.55
C SER A 162 -1.40 -16.13 3.91
N ALA A 163 -1.99 -16.76 4.91
CA ALA A 163 -1.46 -16.74 6.30
C ALA A 163 -0.03 -17.27 6.35
N GLU A 164 0.38 -18.17 5.45
CA GLU A 164 1.77 -18.74 5.46
C GLU A 164 2.79 -17.73 4.92
N ILE A 165 2.31 -16.56 4.45
CA ILE A 165 3.20 -15.51 3.91
C ILE A 165 3.28 -14.42 4.95
N PRO A 166 4.48 -14.16 5.50
CA PRO A 166 4.62 -13.18 6.57
C PRO A 166 4.63 -11.72 6.08
N ARG A 167 4.64 -10.82 7.05
CA ARG A 167 4.78 -9.39 6.85
C ARG A 167 5.93 -9.13 5.88
N ILE A 168 5.67 -8.22 4.96
CA ILE A 168 6.64 -7.78 3.92
C ILE A 168 7.37 -6.53 4.45
N ASP A 169 8.69 -6.54 4.40
CA ASP A 169 9.54 -5.38 4.84
C ASP A 169 9.61 -4.35 3.72
N LEU A 170 9.86 -4.86 2.52
CA LEU A 170 10.19 -4.04 1.34
C LEU A 170 9.46 -4.61 0.13
N LEU A 171 8.72 -3.76 -0.57
CA LEU A 171 8.02 -4.14 -1.81
C LEU A 171 8.68 -3.36 -2.93
N ILE A 172 9.07 -4.05 -3.98
CA ILE A 172 9.71 -3.45 -5.19
C ILE A 172 8.83 -3.76 -6.39
N ARG A 173 8.42 -2.70 -7.06
CA ARG A 173 7.53 -2.78 -8.22
C ARG A 173 8.25 -2.19 -9.43
N TRP A 174 8.30 -3.00 -10.48
CA TRP A 174 8.78 -2.56 -11.81
C TRP A 174 7.61 -2.02 -12.62
N GLY A 175 7.92 -1.23 -13.65
CA GLY A 175 6.93 -0.75 -14.62
C GLY A 175 6.37 0.61 -14.27
N GLY A 176 6.86 1.25 -13.23
CA GLY A 176 6.66 2.68 -12.95
C GLY A 176 5.35 3.03 -12.30
N ARG A 177 4.47 2.08 -12.01
CA ARG A 177 3.17 2.38 -11.34
C ARG A 177 3.38 2.31 -9.83
N ARG A 178 2.94 3.34 -9.11
CA ARG A 178 3.13 3.41 -7.65
C ARG A 178 1.86 2.94 -6.96
N ARG A 179 1.64 1.63 -6.93
CA ARG A 179 0.41 1.07 -6.35
C ARG A 179 0.63 -0.39 -6.01
N LEU A 180 -0.23 -0.94 -5.19
CA LEU A 180 -0.05 -2.34 -4.70
C LEU A 180 -0.79 -3.31 -5.60
N SER A 181 -1.78 -2.87 -6.37
CA SER A 181 -2.66 -3.74 -7.17
C SER A 181 -3.22 -4.88 -6.33
N GLY A 182 -3.53 -4.60 -5.06
CA GLY A 182 -4.20 -5.56 -4.19
C GLY A 182 -3.27 -6.70 -3.80
N MET A 183 -1.95 -6.47 -3.82
CA MET A 183 -1.04 -7.49 -3.28
C MET A 183 -1.10 -7.54 -1.76
N LEU A 184 -1.58 -8.64 -1.20
CA LEU A 184 -1.40 -8.98 0.23
C LEU A 184 -1.64 -7.77 1.15
N PRO A 185 -2.87 -7.23 1.20
CA PRO A 185 -3.11 -6.04 1.99
C PRO A 185 -2.70 -6.16 3.45
N VAL A 186 -2.87 -7.33 4.07
CA VAL A 186 -2.44 -7.53 5.48
C VAL A 186 -0.92 -7.38 5.59
N GLN A 187 -0.17 -8.08 4.74
CA GLN A 187 1.29 -8.13 4.85
C GLN A 187 1.97 -6.82 4.41
N THR A 188 1.34 -5.97 3.61
CA THR A 188 1.94 -4.74 3.06
C THR A 188 1.60 -3.50 3.89
N VAL A 189 0.88 -3.64 5.01
CA VAL A 189 0.44 -2.45 5.80
C VAL A 189 1.57 -1.48 6.08
N TYR A 190 2.78 -1.98 6.42
CA TYR A 190 3.91 -1.14 6.85
C TYR A 190 5.08 -1.23 5.89
N SER A 191 4.94 -1.94 4.78
CA SER A 191 6.03 -2.16 3.82
C SER A 191 6.54 -0.82 3.27
N ASP A 192 7.85 -0.67 3.21
CA ASP A 192 8.46 0.38 2.37
C ASP A 192 8.27 -0.05 0.90
N ILE A 193 7.93 0.91 0.05
CA ILE A 193 7.57 0.69 -1.37
C ILE A 193 8.57 1.44 -2.27
N TYR A 194 9.28 0.68 -3.09
CA TYR A 194 10.32 1.18 -4.02
C TYR A 194 9.81 0.88 -5.43
N VAL A 195 9.76 1.91 -6.29
CA VAL A 195 9.21 1.75 -7.65
C VAL A 195 10.36 2.00 -8.63
N VAL A 196 10.57 1.04 -9.52
CA VAL A 196 11.54 1.07 -10.63
C VAL A 196 10.74 1.45 -11.88
N ASP A 197 11.20 2.45 -12.63
CA ASP A 197 10.47 2.95 -13.81
C ASP A 197 10.60 1.94 -14.96
N GLU A 198 11.69 1.20 -15.06
CA GLU A 198 11.89 0.24 -16.18
C GLU A 198 10.87 -0.88 -16.05
N MET A 199 10.45 -1.44 -17.17
CA MET A 199 9.57 -2.63 -17.19
C MET A 199 10.34 -3.83 -16.64
N TRP A 200 9.61 -4.78 -16.09
CA TRP A 200 10.18 -6.00 -15.47
C TRP A 200 11.21 -6.72 -16.34
N PRO A 201 10.98 -6.98 -17.63
CA PRO A 201 11.98 -7.67 -18.44
C PRO A 201 13.31 -6.92 -18.56
N ASP A 202 13.35 -5.64 -18.22
CA ASP A 202 14.58 -4.80 -18.18
C ASP A 202 15.15 -4.79 -16.77
N PHE A 203 14.76 -5.75 -15.91
CA PHE A 203 15.38 -5.98 -14.58
C PHE A 203 16.91 -5.89 -14.70
N LYS A 204 17.53 -5.16 -13.77
CA LYS A 204 18.99 -5.10 -13.58
C LYS A 204 19.27 -5.25 -12.08
N PRO A 205 20.41 -5.87 -11.70
CA PRO A 205 20.81 -5.94 -10.29
C PRO A 205 20.75 -4.60 -9.58
N GLU A 206 21.11 -3.49 -10.24
CA GLU A 206 21.16 -2.17 -9.58
C GLU A 206 19.74 -1.80 -9.12
N HIS A 207 18.68 -2.27 -9.77
CA HIS A 207 17.29 -1.98 -9.31
C HIS A 207 17.09 -2.52 -7.87
N LEU A 208 17.50 -3.75 -7.63
CA LEU A 208 17.40 -4.38 -6.29
C LEU A 208 18.37 -3.68 -5.35
N PHE A 209 19.60 -3.43 -5.78
CA PHE A 209 20.61 -2.76 -4.89
C PHE A 209 20.11 -1.38 -4.48
N ASN A 210 19.57 -0.58 -5.41
CA ASN A 210 18.99 0.75 -5.12
C ASN A 210 17.83 0.64 -4.10
N ALA A 211 16.99 -0.38 -4.23
CA ALA A 211 15.85 -0.58 -3.32
C ALA A 211 16.39 -0.95 -1.93
N LEU A 212 17.44 -1.78 -1.87
CA LEU A 212 18.03 -2.18 -0.57
C LEU A 212 18.73 -1.00 0.10
N GLU A 213 19.42 -0.14 -0.66
CA GLU A 213 20.06 1.08 -0.09
C GLU A 213 18.95 1.97 0.50
N PHE A 214 17.86 2.13 -0.23
CA PHE A 214 16.68 2.89 0.21
C PHE A 214 16.15 2.29 1.53
N TYR A 215 15.99 0.98 1.57
CA TYR A 215 15.41 0.31 2.76
C TYR A 215 16.29 0.59 3.99
N GLN A 216 17.59 0.39 3.89
CA GLN A 216 18.42 0.50 5.11
C GLN A 216 18.56 1.98 5.49
N ASP A 217 18.55 2.90 4.53
CA ASP A 217 18.62 4.35 4.84
C ASP A 217 17.31 4.91 5.39
N GLN A 218 16.23 4.14 5.49
CA GLN A 218 14.97 4.55 6.17
C GLN A 218 15.25 4.56 7.68
N PRO B 9 -4.69 25.72 -11.25
CA PRO B 9 -4.36 24.92 -12.44
C PRO B 9 -5.48 23.96 -12.85
N LYS B 10 -5.51 23.67 -14.15
CA LYS B 10 -6.54 22.88 -14.86
C LYS B 10 -5.99 21.47 -15.00
N PHE B 11 -6.82 20.47 -14.79
CA PHE B 11 -6.47 19.03 -14.86
C PHE B 11 -7.41 18.33 -15.83
N LYS B 12 -6.90 17.35 -16.54
CA LYS B 12 -7.64 16.51 -17.53
C LYS B 12 -8.51 15.53 -16.75
N ARG B 13 -8.00 15.04 -15.61
CA ARG B 13 -8.65 13.96 -14.80
C ARG B 13 -8.36 14.29 -13.34
N LEU B 14 -9.34 14.09 -12.48
CA LEU B 14 -9.18 14.34 -11.03
C LEU B 14 -9.59 13.04 -10.33
N PRO B 15 -8.91 12.71 -9.22
CA PRO B 15 -9.35 11.58 -8.39
C PRO B 15 -10.67 11.96 -7.72
N GLY B 16 -11.54 10.98 -7.52
CA GLY B 16 -12.76 11.15 -6.73
C GLY B 16 -12.46 11.23 -5.24
N HIS B 17 -11.43 10.53 -4.79
CA HIS B 17 -11.14 10.35 -3.34
C HIS B 17 -9.63 10.37 -3.13
N ILE B 18 -9.17 11.36 -2.37
CA ILE B 18 -7.73 11.48 -2.04
C ILE B 18 -7.57 11.12 -0.54
N ALA B 19 -6.51 10.36 -0.23
CA ALA B 19 -6.09 10.07 1.16
C ALA B 19 -4.84 10.89 1.41
N ILE B 20 -4.74 11.42 2.62
CA ILE B 20 -3.61 12.26 3.06
C ILE B 20 -2.98 11.60 4.28
N ILE B 21 -1.67 11.44 4.23
CA ILE B 21 -0.89 11.03 5.42
C ILE B 21 0.00 12.19 5.82
N PRO B 22 -0.40 12.97 6.84
CA PRO B 22 0.34 14.20 7.25
C PRO B 22 1.50 13.89 8.20
N ASP B 23 2.48 13.14 7.71
CA ASP B 23 3.64 12.67 8.49
C ASP B 23 4.71 13.79 8.50
N GLY B 24 5.62 13.74 9.48
CA GLY B 24 6.85 14.57 9.54
C GLY B 24 6.74 15.76 10.51
N ASN B 25 5.72 15.80 11.36
CA ASN B 25 5.47 16.98 12.22
C ASN B 25 6.58 17.09 13.27
N ARG B 26 7.05 15.98 13.82
CA ARG B 26 8.09 16.04 14.87
C ARG B 26 9.44 16.45 14.24
N ARG B 27 9.82 15.86 13.13
CA ARG B 27 11.07 16.21 12.40
C ARG B 27 11.03 17.70 12.02
N TRP B 28 9.89 18.16 11.56
CA TRP B 28 9.72 19.58 11.18
C TRP B 28 10.03 20.44 12.40
N ALA B 29 9.43 20.11 13.54
CA ALA B 29 9.58 20.90 14.80
C ALA B 29 11.07 20.91 15.21
N LEU B 30 11.70 19.74 15.25
CA LEU B 30 13.11 19.59 15.72
C LEU B 30 14.00 20.42 14.81
N ASP B 31 13.72 20.41 13.51
CA ASP B 31 14.48 21.17 12.50
C ASP B 31 14.33 22.66 12.78
N ARG B 32 13.21 23.14 13.34
CA ARG B 32 12.97 24.59 13.59
C ARG B 32 13.46 24.97 15.00
N GLY B 33 14.12 24.04 15.70
CA GLY B 33 14.53 24.21 17.11
C GLY B 33 13.36 24.23 18.08
N LEU B 34 12.18 23.70 17.72
CA LEU B 34 11.04 23.59 18.67
C LEU B 34 11.11 22.24 19.40
N GLU B 35 10.27 22.04 20.41
CA GLU B 35 10.13 20.69 21.06
C GLU B 35 9.34 19.77 20.11
N LYS B 36 9.60 18.46 20.16
CA LYS B 36 8.95 17.43 19.29
C LYS B 36 7.43 17.62 19.19
N HIS B 37 6.76 17.96 20.27
CA HIS B 37 5.28 18.04 20.32
C HIS B 37 4.76 19.31 19.65
N GLU B 38 5.63 20.28 19.29
CA GLU B 38 5.15 21.61 18.87
C GLU B 38 4.84 21.62 17.37
N GLY B 39 5.15 20.56 16.62
CA GLY B 39 4.90 20.57 15.16
C GLY B 39 3.42 20.40 14.84
N TYR B 40 2.66 19.70 15.68
CA TYR B 40 1.28 19.29 15.31
C TYR B 40 0.41 20.52 15.16
N LYS B 41 0.57 21.56 16.00
CA LYS B 41 -0.31 22.77 15.86
C LYS B 41 -0.02 23.46 14.53
N HIS B 42 1.19 23.31 14.02
CA HIS B 42 1.60 23.84 12.69
C HIS B 42 1.11 22.94 11.55
N GLY B 43 0.45 21.83 11.85
CA GLY B 43 -0.17 20.96 10.84
C GLY B 43 -1.62 21.27 10.59
N ILE B 44 -2.25 22.18 11.37
CA ILE B 44 -3.71 22.46 11.27
C ILE B 44 -3.95 23.27 10.00
N VAL B 45 -3.22 24.39 9.84
CA VAL B 45 -3.50 25.32 8.72
C VAL B 45 -3.25 24.58 7.41
N PRO B 46 -2.17 23.79 7.24
CA PRO B 46 -2.02 22.99 6.00
C PRO B 46 -3.27 22.17 5.62
N GLY B 47 -3.93 21.52 6.58
CA GLY B 47 -5.16 20.75 6.30
C GLY B 47 -6.29 21.63 5.79
N LEU B 48 -6.46 22.79 6.41
CA LEU B 48 -7.54 23.73 6.00
C LEU B 48 -7.21 24.26 4.60
N GLU B 49 -5.95 24.55 4.34
CA GLU B 49 -5.50 25.01 3.00
C GLU B 49 -5.76 23.91 1.97
N LEU B 50 -5.37 22.67 2.30
CA LEU B 50 -5.63 21.53 1.39
C LEU B 50 -7.13 21.45 1.10
N TYR B 51 -7.95 21.50 2.15
CA TYR B 51 -9.42 21.45 2.00
C TYR B 51 -9.88 22.55 1.03
N ASP B 52 -9.44 23.78 1.29
CA ASP B 52 -9.83 24.93 0.44
C ASP B 52 -9.50 24.63 -1.04
N ILE B 53 -8.31 24.13 -1.30
CA ILE B 53 -7.89 23.85 -2.69
C ILE B 53 -8.80 22.78 -3.28
N CYS B 54 -9.11 21.75 -2.49
CA CYS B 54 -9.98 20.65 -2.96
C CYS B 54 -11.39 21.16 -3.29
N VAL B 55 -11.91 22.07 -2.49
CA VAL B 55 -13.24 22.69 -2.80
C VAL B 55 -13.09 23.45 -4.12
N LYS B 56 -12.04 24.25 -4.24
CA LYS B 56 -11.82 25.05 -5.47
C LYS B 56 -11.72 24.15 -6.71
N ILE B 57 -10.90 23.10 -6.69
CA ILE B 57 -10.66 22.32 -7.93
C ILE B 57 -11.76 21.28 -8.11
N GLY B 58 -12.51 20.92 -7.07
CA GLY B 58 -13.69 20.06 -7.21
C GLY B 58 -13.43 18.63 -6.76
N ILE B 59 -12.48 18.40 -5.84
CA ILE B 59 -12.24 17.01 -5.33
C ILE B 59 -13.43 16.63 -4.45
N GLY B 60 -14.06 15.48 -4.66
CA GLY B 60 -15.28 15.16 -3.92
C GLY B 60 -15.03 14.64 -2.50
N GLU B 61 -13.89 13.95 -2.24
CA GLU B 61 -13.71 13.22 -0.94
C GLU B 61 -12.23 13.21 -0.59
N VAL B 62 -11.95 13.50 0.68
CA VAL B 62 -10.58 13.53 1.24
C VAL B 62 -10.62 12.78 2.58
N THR B 63 -9.68 11.86 2.78
CA THR B 63 -9.54 11.18 4.10
C THR B 63 -8.17 11.52 4.67
N PHE B 64 -8.16 12.05 5.89
CA PHE B 64 -6.91 12.36 6.62
C PHE B 64 -6.62 11.23 7.59
N PHE B 65 -5.36 10.82 7.63
CA PHE B 65 -4.85 9.98 8.73
C PHE B 65 -4.58 10.89 9.92
N GLY B 66 -5.40 10.82 10.98
CA GLY B 66 -5.25 11.68 12.17
C GLY B 66 -4.27 11.11 13.18
N PHE B 67 -4.54 9.92 13.70
CA PHE B 67 -3.57 9.18 14.54
C PHE B 67 -4.00 7.73 14.67
N THR B 68 -2.99 6.90 14.82
CA THR B 68 -3.14 5.44 14.97
C THR B 68 -3.24 5.08 16.44
N GLN B 69 -3.67 3.85 16.70
CA GLN B 69 -3.68 3.35 18.10
C GLN B 69 -2.23 3.29 18.61
N ASP B 70 -1.29 2.91 17.76
CA ASP B 70 0.14 2.84 18.16
C ASP B 70 0.63 4.23 18.58
N ASN B 71 0.19 5.27 17.88
CA ASN B 71 0.64 6.66 18.20
C ASN B 71 0.27 7.04 19.64
N THR B 72 -0.78 6.43 20.19
CA THR B 72 -1.22 6.75 21.57
C THR B 72 -0.15 6.35 22.59
N LYS B 73 0.76 5.46 22.21
CA LYS B 73 1.84 5.00 23.11
C LYS B 73 3.01 6.01 23.11
N ARG B 74 2.95 7.04 22.27
CA ARG B 74 3.96 8.11 22.25
C ARG B 74 3.92 8.89 23.57
N PRO B 75 4.96 9.70 23.89
CA PRO B 75 4.96 10.52 25.10
C PRO B 75 3.69 11.37 25.23
N GLN B 76 3.16 11.50 26.46
CA GLN B 76 1.87 12.21 26.71
C GLN B 76 1.85 13.61 26.10
N ILE B 77 2.92 14.37 26.27
CA ILE B 77 2.98 15.77 25.74
C ILE B 77 2.72 15.74 24.23
N GLN B 78 3.25 14.74 23.55
CA GLN B 78 3.03 14.59 22.09
C GLN B 78 1.56 14.21 21.82
N ARG B 79 1.05 13.21 22.54
CA ARG B 79 -0.35 12.74 22.31
C ARG B 79 -1.34 13.89 22.54
N LYS B 80 -1.20 14.60 23.66
CA LYS B 80 -2.12 15.72 23.94
C LYS B 80 -2.07 16.72 22.78
N ALA B 81 -0.89 16.98 22.25
CA ALA B 81 -0.74 17.95 21.14
C ALA B 81 -1.39 17.43 19.86
N PHE B 82 -1.14 16.17 19.48
CA PHE B 82 -1.71 15.70 18.19
C PHE B 82 -3.22 15.48 18.33
N VAL B 83 -3.65 15.08 19.52
CA VAL B 83 -5.11 14.92 19.73
C VAL B 83 -5.77 16.29 19.65
N ASP B 84 -5.22 17.29 20.36
CA ASP B 84 -5.75 18.68 20.35
C ASP B 84 -5.77 19.19 18.92
N ALA B 85 -4.70 18.97 18.14
CA ALA B 85 -4.64 19.43 16.73
C ALA B 85 -5.70 18.73 15.89
N CYS B 86 -5.92 17.42 16.06
CA CYS B 86 -7.02 16.70 15.34
C CYS B 86 -8.37 17.29 15.69
N ILE B 87 -8.65 17.50 16.97
CA ILE B 87 -9.97 18.07 17.40
C ILE B 87 -10.14 19.44 16.70
N LYS B 88 -9.15 20.31 16.76
CA LYS B 88 -9.23 21.70 16.21
C LYS B 88 -9.50 21.63 14.70
N SER B 89 -8.81 20.72 14.02
CA SER B 89 -8.99 20.57 12.55
C SER B 89 -10.45 20.23 12.26
N VAL B 90 -11.00 19.25 12.97
CA VAL B 90 -12.37 18.78 12.71
C VAL B 90 -13.33 19.95 12.99
N LYS B 91 -13.21 20.57 14.15
CA LYS B 91 -14.06 21.71 14.62
C LYS B 91 -14.03 22.83 13.58
N GLU B 92 -12.84 23.17 13.07
CA GLU B 92 -12.64 24.24 12.07
C GLU B 92 -13.33 23.86 10.76
N LEU B 93 -13.13 22.61 10.30
CA LEU B 93 -13.78 22.18 9.04
C LEU B 93 -15.31 22.22 9.16
N SER B 94 -15.86 21.90 10.33
CA SER B 94 -17.32 21.94 10.59
C SER B 94 -17.88 23.36 10.42
N LYS B 95 -17.02 24.40 10.46
CA LYS B 95 -17.43 25.80 10.24
C LYS B 95 -17.31 26.17 8.75
N HIS B 96 -16.83 25.30 7.87
CA HIS B 96 -16.58 25.65 6.44
C HIS B 96 -17.16 24.65 5.44
N ASP B 97 -18.38 24.16 5.63
CA ASP B 97 -19.10 23.39 4.57
C ASP B 97 -18.59 21.96 4.39
N ALA B 98 -17.79 21.38 5.28
CA ALA B 98 -17.37 19.97 5.12
C ALA B 98 -18.55 19.06 5.48
N GLU B 99 -18.67 17.92 4.82
CA GLU B 99 -19.48 16.80 5.33
C GLU B 99 -18.46 15.88 6.05
N LEU B 100 -18.55 15.79 7.37
CA LEU B 100 -17.45 15.21 8.19
C LEU B 100 -17.81 13.82 8.72
N LEU B 101 -16.81 12.95 8.76
CA LEU B 101 -16.92 11.63 9.40
C LEU B 101 -15.58 11.34 10.09
N VAL B 102 -15.67 10.90 11.35
CA VAL B 102 -14.49 10.38 12.09
C VAL B 102 -14.68 8.88 12.25
N VAL B 103 -13.65 8.11 11.89
CA VAL B 103 -13.62 6.64 12.04
C VAL B 103 -12.47 6.33 12.99
N GLY B 104 -12.73 5.52 13.99
CA GLY B 104 -11.67 5.06 14.90
C GLY B 104 -12.31 4.32 16.04
N ASN B 105 -11.47 3.75 16.89
CA ASN B 105 -11.94 2.80 17.92
C ASN B 105 -12.48 3.63 19.09
N THR B 106 -13.81 3.78 19.15
CA THR B 106 -14.48 4.59 20.20
C THR B 106 -14.58 3.78 21.48
N ASN B 107 -14.34 2.47 21.43
CA ASN B 107 -14.35 1.61 22.63
C ASN B 107 -12.98 1.66 23.33
N SER B 108 -12.38 2.84 23.46
CA SER B 108 -11.01 3.05 23.95
C SER B 108 -11.01 4.38 24.68
N ASP B 109 -10.30 4.43 25.79
CA ASP B 109 -10.05 5.68 26.53
C ASP B 109 -9.27 6.66 25.65
N MET B 110 -8.66 6.20 24.57
CA MET B 110 -7.80 7.08 23.75
C MET B 110 -8.60 7.72 22.59
N PHE B 111 -9.85 7.32 22.38
CA PHE B 111 -10.74 8.03 21.41
C PHE B 111 -11.13 9.39 22.02
N PRO B 112 -10.87 10.52 21.36
CA PRO B 112 -11.17 11.82 21.98
C PRO B 112 -12.68 12.06 22.04
N LYS B 113 -13.18 12.25 23.26
CA LYS B 113 -14.64 12.37 23.50
C LYS B 113 -15.20 13.50 22.64
N GLU B 114 -14.41 14.55 22.36
CA GLU B 114 -14.93 15.72 21.60
C GLU B 114 -15.27 15.30 20.18
N LEU B 115 -14.78 14.15 19.69
CA LEU B 115 -15.07 13.75 18.28
C LEU B 115 -16.15 12.68 18.21
N LEU B 116 -16.80 12.33 19.32
CA LEU B 116 -17.89 11.35 19.31
C LEU B 116 -19.06 11.93 18.54
N ALA B 117 -19.13 13.25 18.40
CA ALA B 117 -20.25 13.91 17.68
C ALA B 117 -20.14 13.63 16.17
N TYR B 118 -19.01 13.05 15.69
CA TYR B 118 -18.77 12.96 14.23
C TYR B 118 -18.69 11.50 13.74
N THR B 119 -19.06 10.51 14.54
CA THR B 119 -18.88 9.10 14.15
C THR B 119 -19.99 8.61 13.21
N LYS B 120 -21.01 9.42 12.96
CA LYS B 120 -21.91 9.22 11.82
C LYS B 120 -21.80 10.45 10.92
N ARG B 121 -21.64 10.24 9.62
CA ARG B 121 -21.28 11.33 8.70
C ARG B 121 -22.30 12.47 8.84
N THR B 122 -21.84 13.71 9.00
CA THR B 122 -22.66 14.89 9.33
C THR B 122 -22.35 15.97 8.30
N LYS B 123 -23.37 16.46 7.61
CA LYS B 123 -23.21 17.62 6.69
C LYS B 123 -23.20 18.94 7.45
N PHE B 124 -22.17 19.76 7.25
CA PHE B 124 -22.06 21.15 7.73
C PHE B 124 -22.14 22.11 6.53
N GLY B 125 -22.87 23.21 6.69
CA GLY B 125 -23.00 24.23 5.62
C GLY B 125 -23.52 23.56 4.36
N LYS B 126 -22.83 23.82 3.25
CA LYS B 126 -23.20 23.34 1.90
C LYS B 126 -22.64 21.93 1.66
N GLY B 127 -21.81 21.37 2.54
CA GLY B 127 -21.32 19.99 2.28
C GLY B 127 -20.65 19.90 0.92
N LYS B 128 -19.70 20.80 0.65
CA LYS B 128 -18.96 20.93 -0.62
C LYS B 128 -18.03 19.71 -0.84
N VAL B 129 -17.52 19.09 0.23
CA VAL B 129 -16.55 17.95 0.13
C VAL B 129 -16.81 17.02 1.32
N ARG B 130 -16.71 15.75 1.08
CA ARG B 130 -16.72 14.69 2.12
C ARG B 130 -15.34 14.58 2.74
N ILE B 131 -15.20 14.87 4.02
CA ILE B 131 -13.89 14.85 4.70
C ILE B 131 -14.01 13.79 5.77
N ASN B 132 -13.12 12.83 5.72
CA ASN B 132 -13.05 11.72 6.70
C ASN B 132 -11.74 11.86 7.50
N PHE B 133 -11.79 11.52 8.80
CA PHE B 133 -10.60 11.51 9.68
C PHE B 133 -10.51 10.15 10.36
N LEU B 134 -9.33 9.57 10.30
CA LEU B 134 -9.00 8.34 11.06
C LEU B 134 -8.38 8.75 12.39
N VAL B 135 -9.03 8.37 13.48
CA VAL B 135 -8.64 8.88 14.83
C VAL B 135 -8.67 7.68 15.74
N ASN B 136 -7.55 7.38 16.40
CA ASN B 136 -7.43 6.16 17.23
C ASN B 136 -7.75 4.97 16.31
N TYR B 137 -7.14 4.98 15.12
CA TYR B 137 -7.41 4.02 14.04
C TYR B 137 -6.31 2.93 14.05
N GLY B 138 -6.68 1.67 13.81
CA GLY B 138 -5.71 0.62 13.47
C GLY B 138 -6.30 -0.27 12.41
N TRP B 139 -5.45 -0.74 11.50
CA TRP B 139 -5.87 -1.62 10.39
C TRP B 139 -6.53 -2.88 10.96
N TYR B 140 -5.96 -3.46 12.00
CA TYR B 140 -6.39 -4.77 12.53
C TYR B 140 -7.79 -4.66 13.17
N TRP B 141 -7.96 -3.62 13.98
CA TRP B 141 -9.28 -3.22 14.54
C TRP B 141 -10.30 -3.04 13.41
N ASP B 142 -9.88 -2.37 12.31
CA ASP B 142 -10.76 -2.07 11.16
C ASP B 142 -11.22 -3.40 10.54
N LEU B 143 -10.29 -4.28 10.19
CA LEU B 143 -10.65 -5.47 9.38
C LEU B 143 -11.45 -6.44 10.28
N THR B 144 -11.08 -6.59 11.53
CA THR B 144 -11.66 -7.60 12.48
C THR B 144 -13.02 -7.13 12.99
N TYR B 145 -13.33 -5.83 12.84
CA TYR B 145 -14.59 -5.21 13.30
C TYR B 145 -15.73 -6.04 12.76
N ALA B 146 -15.53 -6.41 11.49
CA ALA B 146 -16.36 -7.23 10.59
C ALA B 146 -16.74 -8.56 11.27
N LYS B 154 -19.97 -10.28 0.80
CA LYS B 154 -19.82 -10.84 2.16
C LYS B 154 -20.03 -9.71 3.18
N LYS B 155 -20.91 -9.96 4.12
CA LYS B 155 -21.25 -8.94 5.13
C LYS B 155 -19.98 -8.49 5.85
N MET B 156 -19.03 -9.41 6.08
CA MET B 156 -17.78 -9.10 6.83
C MET B 156 -17.03 -7.94 6.15
N ILE B 157 -16.79 -8.00 4.84
CA ILE B 157 -15.96 -6.92 4.24
C ILE B 157 -16.78 -5.63 4.17
N GLU B 158 -18.06 -5.70 3.81
CA GLU B 158 -18.95 -4.51 3.78
C GLU B 158 -19.15 -3.97 5.20
N ASN B 159 -18.70 -4.70 6.21
CA ASN B 159 -18.96 -4.31 7.61
C ASN B 159 -17.65 -4.01 8.35
N ILE B 160 -16.57 -3.78 7.61
CA ILE B 160 -15.34 -3.33 8.29
C ILE B 160 -15.66 -1.98 8.96
N ALA B 161 -14.89 -1.62 9.97
CA ALA B 161 -15.15 -0.39 10.75
C ALA B 161 -15.18 0.83 9.84
N SER B 162 -14.34 0.85 8.80
CA SER B 162 -14.23 1.98 7.85
C SER B 162 -15.14 1.81 6.62
N ALA B 163 -16.17 0.99 6.69
CA ALA B 163 -17.03 0.64 5.51
C ALA B 163 -17.65 1.89 4.89
N GLU B 164 -17.84 2.99 5.62
CA GLU B 164 -18.43 4.24 5.06
C GLU B 164 -17.36 5.05 4.32
N ILE B 165 -16.09 4.61 4.34
CA ILE B 165 -15.02 5.30 3.57
C ILE B 165 -14.81 4.49 2.29
N PRO B 166 -15.01 5.10 1.10
CA PRO B 166 -14.95 4.34 -0.16
C PRO B 166 -13.50 4.17 -0.58
N ARG B 167 -13.32 3.42 -1.65
CA ARG B 167 -12.00 3.20 -2.30
C ARG B 167 -11.29 4.54 -2.50
N ILE B 168 -9.98 4.54 -2.28
CA ILE B 168 -9.12 5.73 -2.47
C ILE B 168 -8.48 5.68 -3.87
N ASP B 169 -8.53 6.77 -4.62
CA ASP B 169 -7.92 6.86 -5.96
C ASP B 169 -6.44 7.21 -5.85
N LEU B 170 -6.12 8.19 -5.01
CA LEU B 170 -4.78 8.79 -4.88
C LEU B 170 -4.50 8.95 -3.41
N LEU B 171 -3.35 8.45 -2.98
CA LEU B 171 -2.89 8.64 -1.60
C LEU B 171 -1.64 9.51 -1.65
N ILE B 172 -1.65 10.60 -0.89
CA ILE B 172 -0.48 11.53 -0.86
C ILE B 172 0.10 11.53 0.56
N ARG B 173 1.39 11.29 0.64
CA ARG B 173 2.05 11.21 1.96
C ARG B 173 3.20 12.22 2.07
N TRP B 174 3.15 13.05 3.10
CA TRP B 174 4.26 13.99 3.37
C TRP B 174 5.26 13.29 4.30
N GLY B 175 6.48 13.82 4.44
CA GLY B 175 7.48 13.23 5.35
C GLY B 175 8.43 12.27 4.66
N GLY B 176 8.24 12.02 3.37
CA GLY B 176 9.19 11.22 2.57
C GLY B 176 9.23 9.72 2.80
N ARG B 177 8.42 9.20 3.72
CA ARG B 177 8.35 7.72 3.90
C ARG B 177 7.39 7.14 2.85
N ARG B 178 7.83 6.08 2.17
CA ARG B 178 7.05 5.45 1.09
C ARG B 178 6.35 4.21 1.66
N ARG B 179 5.33 4.43 2.49
CA ARG B 179 4.57 3.33 3.12
C ARG B 179 3.20 3.83 3.53
N LEU B 180 2.30 2.88 3.77
CA LEU B 180 0.89 3.19 4.09
C LEU B 180 0.67 3.38 5.60
N SER B 181 1.57 2.87 6.46
CA SER B 181 1.38 2.82 7.93
C SER B 181 0.01 2.25 8.27
N GLY B 182 -0.46 1.27 7.50
CA GLY B 182 -1.70 0.57 7.80
C GLY B 182 -2.90 1.46 7.60
N MET B 183 -2.82 2.45 6.71
CA MET B 183 -4.03 3.26 6.43
C MET B 183 -4.99 2.44 5.55
N LEU B 184 -6.16 2.06 6.07
CA LEU B 184 -7.28 1.57 5.24
C LEU B 184 -6.85 0.54 4.19
N PRO B 185 -6.35 -0.63 4.63
CA PRO B 185 -5.84 -1.63 3.69
C PRO B 185 -6.84 -2.04 2.59
N VAL B 186 -8.15 -2.12 2.85
CA VAL B 186 -9.12 -2.47 1.79
C VAL B 186 -9.21 -1.32 0.76
N GLN B 187 -9.32 -0.07 1.22
CA GLN B 187 -9.56 1.09 0.32
C GLN B 187 -8.29 1.52 -0.44
N THR B 188 -7.11 1.03 -0.05
CA THR B 188 -5.81 1.41 -0.66
C THR B 188 -5.28 0.34 -1.61
N VAL B 189 -6.00 -0.76 -1.80
CA VAL B 189 -5.50 -1.87 -2.66
C VAL B 189 -5.01 -1.36 -4.02
N TYR B 190 -5.70 -0.41 -4.65
CA TYR B 190 -5.35 0.00 -6.04
C TYR B 190 -4.97 1.48 -6.08
N SER B 191 -4.82 2.14 -4.95
CA SER B 191 -4.53 3.59 -4.87
C SER B 191 -3.18 3.86 -5.54
N ASP B 192 -3.11 4.91 -6.37
CA ASP B 192 -1.81 5.46 -6.79
C ASP B 192 -1.25 6.26 -5.61
N ILE B 193 0.03 6.10 -5.34
CA ILE B 193 0.68 6.62 -4.12
C ILE B 193 1.69 7.67 -4.54
N TYR B 194 1.58 8.87 -4.00
CA TYR B 194 2.51 9.99 -4.29
C TYR B 194 3.12 10.43 -2.95
N VAL B 195 4.46 10.49 -2.90
CA VAL B 195 5.20 10.86 -1.67
C VAL B 195 5.87 12.23 -1.86
N VAL B 196 5.58 13.13 -0.94
CA VAL B 196 6.23 14.46 -0.83
C VAL B 196 7.38 14.31 0.16
N ASP B 197 8.56 14.75 -0.19
CA ASP B 197 9.74 14.63 0.72
C ASP B 197 9.58 15.62 1.90
N GLU B 198 8.98 16.77 1.67
CA GLU B 198 8.85 17.79 2.74
C GLU B 198 7.93 17.25 3.83
N MET B 199 8.19 17.69 5.06
CA MET B 199 7.35 17.37 6.23
C MET B 199 5.99 18.06 6.08
N TRP B 200 4.95 17.51 6.68
CA TRP B 200 3.57 18.01 6.55
C TRP B 200 3.47 19.53 6.82
N PRO B 201 4.07 20.12 7.89
CA PRO B 201 3.86 21.55 8.14
C PRO B 201 4.44 22.46 7.06
N ASP B 202 5.28 21.94 6.17
CA ASP B 202 5.83 22.65 4.98
C ASP B 202 4.95 22.45 3.76
N PHE B 203 3.76 21.92 3.94
CA PHE B 203 2.75 21.76 2.86
C PHE B 203 2.68 23.04 2.00
N LYS B 204 2.64 22.84 0.69
CA LYS B 204 2.44 23.89 -0.34
C LYS B 204 1.41 23.40 -1.34
N PRO B 205 0.60 24.31 -1.93
CA PRO B 205 -0.32 23.94 -2.98
C PRO B 205 0.36 23.12 -4.07
N GLU B 206 1.61 23.46 -4.42
CA GLU B 206 2.35 22.75 -5.47
C GLU B 206 2.47 21.25 -5.14
N HIS B 207 2.55 20.85 -3.86
CA HIS B 207 2.66 19.40 -3.51
C HIS B 207 1.43 18.69 -4.04
N LEU B 208 0.25 19.24 -3.72
CA LEU B 208 -1.02 18.67 -4.20
C LEU B 208 -1.07 18.73 -5.74
N PHE B 209 -0.73 19.87 -6.35
CA PHE B 209 -0.82 19.98 -7.84
C PHE B 209 0.12 18.94 -8.46
N ASN B 210 1.31 18.76 -7.90
CA ASN B 210 2.27 17.75 -8.41
C ASN B 210 1.68 16.33 -8.30
N ALA B 211 1.03 16.00 -7.18
CA ALA B 211 0.37 14.69 -7.00
C ALA B 211 -0.76 14.52 -8.05
N LEU B 212 -1.50 15.58 -8.34
CA LEU B 212 -2.62 15.55 -9.30
C LEU B 212 -2.12 15.44 -10.76
N GLU B 213 -1.01 16.07 -11.09
CA GLU B 213 -0.35 15.88 -12.41
C GLU B 213 0.06 14.41 -12.53
N PHE B 214 0.66 13.86 -11.48
CA PHE B 214 1.12 12.45 -11.45
C PHE B 214 -0.11 11.57 -11.68
N TYR B 215 -1.20 11.83 -10.97
CA TYR B 215 -2.41 10.99 -11.04
C TYR B 215 -3.00 11.01 -12.47
N GLN B 216 -3.15 12.20 -13.09
CA GLN B 216 -3.81 12.27 -14.42
C GLN B 216 -2.92 11.60 -15.47
N ASP B 217 -1.61 11.50 -15.23
CA ASP B 217 -0.65 10.83 -16.14
C ASP B 217 -0.76 9.30 -15.98
N GLN B 218 -1.33 8.77 -14.88
CA GLN B 218 -1.52 7.30 -14.72
C GLN B 218 -2.71 6.86 -15.58
P1 ISY C . -2.60 -2.61 -12.32
O2 ISY C . -2.12 -4.10 -12.20
P3 ISY C . -1.47 -5.16 -13.11
O4 ISY C . -3.06 -2.16 -10.98
O5 ISY C . -3.75 -2.58 -13.29
O6 ISY C . -1.45 -1.82 -12.85
O7 ISY C . -1.01 -4.49 -14.40
O8 ISY C . -2.36 -6.34 -13.17
S9 ISY C . 0.28 -5.66 -12.09
C10 ISY C . -0.74 -6.93 -11.25
C11 ISY C . 0.04 -7.79 -10.39
C12 ISY C . 1.05 -8.62 -11.12
C13 ISY C . 0.69 -10.01 -11.38
C14 ISY C . 2.22 -8.10 -11.45
C1 FPS D . 1.80 -8.19 -15.03
S1 FPS D . 2.74 -7.37 -16.37
C2 FPS D . 2.35 -9.54 -14.77
C3 FPS D . 1.74 -10.69 -15.00
C4 FPS D . 0.30 -10.82 -15.34
C5 FPS D . 2.46 -11.99 -14.96
C6 FPS D . 3.87 -12.02 -14.40
C7 FPS D . 4.57 -13.21 -14.98
C8 FPS D . 5.81 -13.26 -15.47
C10 FPS D . 6.44 -14.56 -15.79
C9 FPS D . 6.71 -12.08 -15.62
C11 FPS D . 6.79 -15.27 -14.51
C12 FPS D . 7.80 -14.48 -13.76
C13 FPS D . 7.87 -14.22 -12.46
C14 FPS D . 9.16 -13.91 -11.82
C15 FPS D . 6.68 -14.22 -11.54
PA FPS D . 1.11 -6.66 -17.44
O1A FPS D . 0.51 -7.74 -18.22
O2A FPS D . 0.17 -5.92 -16.57
O3A FPS D . 1.91 -5.66 -18.44
PB FPS D . 1.66 -4.04 -18.62
O1B FPS D . 1.63 -3.43 -17.23
O2B FPS D . 0.34 -3.92 -19.30
O3B FPS D . 2.82 -3.59 -19.39
MG MG E . 0.29 -4.01 -15.73
S SO4 F . 1.13 -4.26 14.38
O1 SO4 F . 2.51 -4.73 14.22
O2 SO4 F . 0.30 -4.74 13.30
O3 SO4 F . 0.63 -4.78 15.64
O4 SO4 F . 1.09 -2.78 14.39
S SO4 G . 7.38 -22.07 9.19
O1 SO4 G . 8.46 -22.98 8.90
O2 SO4 G . 6.31 -22.30 8.27
O3 SO4 G . 6.91 -22.28 10.53
O4 SO4 G . 7.84 -20.70 9.09
S SO4 H . 21.62 -22.19 -6.94
O1 SO4 H . 21.41 -21.53 -8.20
O2 SO4 H . 22.95 -22.78 -6.95
O3 SO4 H . 20.63 -23.23 -6.71
O4 SO4 H . 21.52 -21.22 -5.86
P1 ISY I . 5.40 5.23 10.43
O2 ISY I . 4.10 6.01 10.86
P3 ISY I . 3.87 7.29 11.70
O4 ISY I . 6.41 6.13 9.82
O5 ISY I . 4.98 4.08 9.50
O6 ISY I . 6.04 4.69 11.68
O7 ISY I . 5.11 8.10 11.91
O8 ISY I . 2.98 6.83 12.84
S9 ISY I . 2.58 8.32 10.44
C10 ISY I . 1.13 7.43 10.99
C11 ISY I . -0.08 7.88 10.34
C12 ISY I . -0.45 9.29 10.71
C13 ISY I . 0.07 10.33 9.86
C14 ISY I . -1.28 9.55 11.72
C1 FPS J . 2.30 11.79 12.19
S1 FPS J . 3.59 13.06 12.21
C2 FPS J . 0.98 12.38 12.52
C3 FPS J . 0.39 12.41 13.71
C4 FPS J . 0.71 11.47 14.83
C5 FPS J . -0.69 13.38 14.00
C6 FPS J . -1.12 14.20 12.79
C7 FPS J . -2.01 15.36 13.19
C8 FPS J . -1.95 16.61 12.74
C10 FPS J . -2.82 17.68 13.31
C9 FPS J . -1.07 17.03 11.61
C11 FPS J . -3.78 18.25 12.27
C12 FPS J . -4.64 17.20 11.68
C13 FPS J . -4.70 16.77 10.42
C14 FPS J . -5.24 15.42 10.08
C15 FPS J . -4.30 17.60 9.24
PA FPS J . 4.94 12.17 13.49
O1A FPS J . 4.59 12.37 14.92
O2A FPS J . 5.10 10.71 13.18
O3A FPS J . 6.32 12.90 13.16
PB FPS J . 7.69 12.38 12.57
O1B FPS J . 8.44 13.61 12.11
O2B FPS J . 7.40 11.46 11.37
O3B FPS J . 8.32 11.63 13.74
MG MG K . 6.15 9.76 11.62
S SO4 L . -12.22 -5.30 -7.37
O1 SO4 L . -11.09 -5.69 -8.23
O2 SO4 L . -13.28 -6.28 -7.46
O3 SO4 L . -11.76 -5.23 -6.00
O4 SO4 L . -12.73 -4.01 -7.79
#